data_7LF5
#
_entry.id   7LF5
#
_cell.length_a   51.379
_cell.length_b   146.831
_cell.length_c   75.917
_cell.angle_alpha   90.000
_cell.angle_beta   90.000
_cell.angle_gamma   90.000
#
_symmetry.space_group_name_H-M   'C 2 2 21'
#
loop_
_entity.id
_entity.type
_entity.pdbx_description
1 polymer 'IgG1 Fc (Fc267)'
2 branched 2-acetamido-2-deoxy-beta-D-glucopyranose-(1-4)-2-acetamido-2-deoxy-beta-D-glucopyranose
3 branched beta-D-galactopyranose-(1-4)-2-acetamido-2-deoxy-beta-D-glucopyranose-(1-2)-alpha-D-mannopyranose-(1-6)-[2-acetamido-2-deoxy-beta-D-glucopyranose-(1-2)-alpha-D-mannopyranose-(1-3)]beta-D-mannopyranose-(1-4)-2-acetamido-2-deoxy-beta-D-glucopyranose-(1-4)-2-acetamido-2-deoxy-beta-D-glucopyranose
4 non-polymer alpha-L-fucopyranose
5 water water
#
_entity_poly.entity_id   1
_entity_poly.type   'polypeptide(L)'
_entity_poly.pdbx_seq_one_letter_code
;GEPKSCDKTHTCPPCPAPELLGGPSVFLFPPKPKDTLMISRTPEVTCVVVDVNSTDPEVKFNWYVDGVEVHNAKTKPREE
QYNSTYRVVSVLTVLHQDWLNGKEYKCKVSNKALPAPIEKTISKAKGQPREPQVYTLPPSREEMTKNQVSLTCLVKGFYP
SDIAVEWESNGQPENNYKTTPPVLDSDGSFFLYSKLTVDKSRWQQGNVFSCSVMHEALHNHYTQKSLSLSPGK
;
_entity_poly.pdbx_strand_id   A
#
# COMPACT_ATOMS: atom_id res chain seq x y z
N PRO A 24 -8.61 21.30 16.07
CA PRO A 24 -9.17 20.04 15.55
C PRO A 24 -8.78 19.79 14.10
N SER A 25 -8.01 18.73 13.81
CA SER A 25 -7.64 18.36 12.45
C SER A 25 -7.82 16.85 12.29
N VAL A 26 -8.37 16.43 11.16
CA VAL A 26 -8.78 15.03 10.95
C VAL A 26 -8.08 14.46 9.71
N PHE A 27 -7.47 13.29 9.87
CA PHE A 27 -6.66 12.67 8.84
C PHE A 27 -7.19 11.29 8.54
N LEU A 28 -7.39 10.98 7.25
CA LEU A 28 -8.07 9.76 6.86
C LEU A 28 -7.13 8.94 5.97
N PHE A 29 -6.91 7.70 6.37
CA PHE A 29 -5.83 6.93 5.78
C PHE A 29 -6.36 5.70 5.06
N PRO A 30 -5.83 5.37 3.88
CA PRO A 30 -6.33 4.23 3.11
C PRO A 30 -5.66 2.94 3.54
N PRO A 31 -6.19 1.79 3.15
CA PRO A 31 -5.53 0.52 3.49
C PRO A 31 -4.27 0.31 2.67
N LYS A 32 -3.46 -0.63 3.12
CA LYS A 32 -2.26 -0.91 2.34
C LYS A 32 -2.63 -1.76 1.13
N PRO A 33 -1.99 -1.53 -0.02
CA PRO A 33 -2.28 -2.33 -1.23
C PRO A 33 -2.28 -3.82 -0.97
N LYS A 34 -1.24 -4.31 -0.31
CA LYS A 34 -1.14 -5.72 -0.03
C LYS A 34 -2.35 -6.18 0.76
N ASP A 35 -2.92 -5.32 1.61
CA ASP A 35 -4.08 -5.71 2.42
C ASP A 35 -5.33 -5.87 1.56
N THR A 36 -5.46 -5.05 0.54
CA THR A 36 -6.64 -5.12 -0.30
C THR A 36 -6.53 -6.19 -1.38
N LEU A 37 -5.33 -6.60 -1.75
CA LEU A 37 -5.17 -7.53 -2.86
C LEU A 37 -5.17 -9.01 -2.44
N MET A 38 -4.78 -9.35 -1.20
CA MET A 38 -4.83 -10.73 -0.71
C MET A 38 -6.02 -10.92 0.23
N ILE A 39 -6.94 -11.81 -0.16
CA ILE A 39 -8.14 -12.07 0.63
C ILE A 39 -7.80 -12.57 2.02
N SER A 40 -6.59 -13.11 2.19
CA SER A 40 -6.12 -13.52 3.50
C SER A 40 -6.01 -12.34 4.45
N ARG A 41 -5.69 -11.18 3.95
CA ARG A 41 -5.40 -10.06 4.83
C ARG A 41 -6.65 -9.23 5.08
N THR A 42 -6.55 -8.32 6.03
CA THR A 42 -7.68 -7.52 6.47
C THR A 42 -7.41 -6.08 6.18
N PRO A 43 -8.10 -5.46 5.23
CA PRO A 43 -7.84 -4.05 4.93
C PRO A 43 -8.66 -3.14 5.84
N GLU A 44 -8.00 -2.07 6.32
CA GLU A 44 -8.62 -1.13 7.23
C GLU A 44 -8.47 0.30 6.72
N VAL A 45 -9.45 1.13 7.05
CA VAL A 45 -9.39 2.58 6.85
C VAL A 45 -9.36 3.21 8.23
N THR A 46 -8.40 4.08 8.49
CA THR A 46 -8.28 4.63 9.83
C THR A 46 -8.56 6.13 9.80
N CYS A 47 -9.29 6.61 10.81
CA CYS A 47 -9.61 8.02 10.93
C CYS A 47 -8.89 8.56 12.16
N VAL A 48 -7.94 9.45 11.92
CA VAL A 48 -7.20 10.14 12.97
C VAL A 48 -7.76 11.55 13.13
N VAL A 49 -8.08 11.91 14.37
CA VAL A 49 -8.39 13.28 14.75
C VAL A 49 -7.42 13.72 15.85
N VAL A 50 -6.83 14.90 15.66
CA VAL A 50 -5.81 15.42 16.54
C VAL A 50 -6.16 16.87 16.86
N ASP A 51 -5.46 17.43 17.86
CA ASP A 51 -5.69 18.80 18.28
C ASP A 51 -7.12 18.98 18.76
N VAL A 52 -7.61 18.03 19.54
CA VAL A 52 -8.91 18.20 20.19
C VAL A 52 -8.68 18.79 21.58
N ASN A 53 -9.23 19.98 21.80
CA ASN A 53 -9.05 20.72 23.05
C ASN A 53 -9.45 19.83 24.22
N SER A 54 -8.59 19.78 25.24
CA SER A 54 -8.76 18.87 26.39
C SER A 54 -9.99 19.17 27.20
N THR A 55 -10.77 20.19 26.82
CA THR A 55 -11.99 20.54 27.52
C THR A 55 -12.97 19.37 27.52
N ASP A 56 -13.48 19.02 26.35
CA ASP A 56 -14.28 17.81 26.15
C ASP A 56 -13.57 16.96 25.12
N PRO A 57 -12.71 16.06 25.54
CA PRO A 57 -12.11 15.12 24.58
C PRO A 57 -13.03 13.95 24.24
N GLU A 58 -14.35 14.13 24.38
CA GLU A 58 -15.32 13.11 23.98
C GLU A 58 -15.74 13.35 22.53
N VAL A 59 -15.50 12.34 21.67
CA VAL A 59 -15.71 12.46 20.23
C VAL A 59 -16.26 11.14 19.69
N LYS A 60 -17.38 11.21 18.95
CA LYS A 60 -17.97 10.05 18.27
C LYS A 60 -17.70 10.10 16.77
N PHE A 61 -17.72 8.91 16.15
CA PHE A 61 -17.38 8.71 14.75
C PHE A 61 -18.59 8.18 13.98
N ASN A 62 -18.83 8.72 12.78
CA ASN A 62 -19.85 8.23 11.86
C ASN A 62 -19.17 7.81 10.57
N TRP A 63 -19.33 6.55 10.20
CA TRP A 63 -18.65 6.01 9.03
C TRP A 63 -19.65 5.82 7.90
N TYR A 64 -19.26 6.24 6.70
CA TYR A 64 -20.15 6.18 5.55
C TYR A 64 -19.42 5.51 4.40
N VAL A 65 -19.94 4.37 3.95
CA VAL A 65 -19.39 3.65 2.80
C VAL A 65 -20.33 3.90 1.61
N ASP A 66 -19.91 4.78 0.72
CA ASP A 66 -20.63 4.98 -0.53
C ASP A 66 -22.07 5.41 -0.23
N GLY A 67 -22.22 6.30 0.75
CA GLY A 67 -23.51 6.80 1.16
C GLY A 67 -24.07 6.15 2.41
N VAL A 68 -24.27 4.83 2.34
CA VAL A 68 -24.85 4.08 3.45
C VAL A 68 -23.92 4.08 4.65
N GLU A 69 -24.48 4.39 5.83
CA GLU A 69 -23.70 4.36 7.06
C GLU A 69 -23.44 2.92 7.48
N VAL A 70 -22.28 2.70 8.08
CA VAL A 70 -21.94 1.42 8.70
C VAL A 70 -21.55 1.64 10.15
N HIS A 71 -21.61 0.54 10.93
CA HIS A 71 -21.52 0.61 12.38
C HIS A 71 -20.55 -0.42 12.95
N ASN A 72 -19.60 -0.94 12.16
CA ASN A 72 -18.66 -1.94 12.63
C ASN A 72 -17.25 -1.39 12.85
N ALA A 73 -17.11 -0.09 13.13
CA ALA A 73 -15.79 0.54 13.25
C ALA A 73 -15.32 0.50 14.69
N LYS A 74 -14.25 -0.24 14.96
CA LYS A 74 -13.63 -0.12 16.26
C LYS A 74 -13.07 1.29 16.44
N THR A 75 -13.27 1.86 17.61
CA THR A 75 -12.82 3.21 17.93
C THR A 75 -11.83 3.12 19.09
N LYS A 76 -10.59 3.53 18.85
CA LYS A 76 -9.52 3.27 19.82
C LYS A 76 -9.63 4.24 21.00
N PRO A 77 -9.24 3.79 22.20
CA PRO A 77 -9.38 4.64 23.39
C PRO A 77 -8.50 5.88 23.31
N ARG A 78 -9.11 7.04 23.59
CA ARG A 78 -8.45 8.33 23.49
C ARG A 78 -7.16 8.36 24.32
N GLU A 79 -6.19 9.14 23.86
CA GLU A 79 -4.86 9.20 24.47
C GLU A 79 -4.39 10.64 24.52
N GLU A 80 -4.04 11.13 25.72
CA GLU A 80 -3.59 12.50 25.85
C GLU A 80 -2.21 12.64 25.22
N GLN A 81 -2.11 13.46 24.18
CA GLN A 81 -0.77 13.72 23.65
C GLN A 81 -0.04 14.62 24.64
N TYR A 82 1.30 14.62 24.59
CA TYR A 82 1.99 15.50 25.52
C TYR A 82 1.57 16.95 25.36
N ASN A 83 1.58 17.47 24.14
CA ASN A 83 1.17 18.87 23.95
C ASN A 83 -0.24 19.15 24.44
N THR A 85 -3.31 18.25 24.56
CA THR A 85 -4.33 17.79 23.60
C THR A 85 -4.47 16.28 23.48
N TYR A 86 -5.60 15.87 22.91
CA TYR A 86 -5.96 14.47 22.75
C TYR A 86 -5.95 14.11 21.28
N ARG A 87 -5.64 12.86 20.99
CA ARG A 87 -5.73 12.30 19.65
C ARG A 87 -6.45 10.97 19.76
N VAL A 88 -7.44 10.73 18.88
CA VAL A 88 -8.17 9.47 18.90
C VAL A 88 -8.34 8.92 17.48
N VAL A 89 -8.46 7.59 17.42
CA VAL A 89 -8.50 6.79 16.20
C VAL A 89 -9.79 5.99 16.13
N SER A 90 -10.36 5.92 14.92
CA SER A 90 -11.43 5.00 14.59
C SER A 90 -10.96 4.10 13.46
N VAL A 91 -11.06 2.78 13.64
CA VAL A 91 -10.63 1.81 12.65
C VAL A 91 -11.84 1.10 12.09
N LEU A 92 -11.89 0.95 10.75
CA LEU A 92 -12.99 0.30 10.05
C LEU A 92 -12.46 -0.76 9.09
N THR A 93 -12.78 -2.02 9.36
CA THR A 93 -12.41 -3.07 8.44
C THR A 93 -13.22 -2.90 7.16
N VAL A 94 -12.59 -3.13 6.02
CA VAL A 94 -13.26 -2.91 4.74
C VAL A 94 -13.29 -4.23 3.99
N LEU A 95 -14.18 -4.27 3.02
CA LEU A 95 -14.39 -5.43 2.19
C LEU A 95 -13.47 -5.26 1.00
N HIS A 96 -12.71 -6.30 0.67
CA HIS A 96 -11.75 -6.16 -0.44
C HIS A 96 -12.44 -5.70 -1.70
N GLN A 97 -13.60 -6.26 -2.02
CA GLN A 97 -14.25 -5.89 -3.28
C GLN A 97 -14.74 -4.43 -3.23
N ASP A 98 -15.28 -4.00 -2.08
CA ASP A 98 -15.80 -2.63 -1.96
C ASP A 98 -14.72 -1.61 -2.29
N TRP A 99 -13.57 -1.72 -1.64
CA TRP A 99 -12.49 -0.77 -1.89
C TRP A 99 -12.05 -0.80 -3.34
N LEU A 100 -11.91 -2.01 -3.90
CA LEU A 100 -11.39 -2.09 -5.26
C LEU A 100 -12.39 -1.60 -6.28
N ASN A 101 -13.68 -1.87 -6.04
CA ASN A 101 -14.73 -1.35 -6.90
C ASN A 101 -14.86 0.17 -6.83
N GLY A 102 -14.20 0.82 -5.87
CA GLY A 102 -14.12 2.27 -5.83
C GLY A 102 -15.15 2.96 -4.95
N LYS A 103 -15.66 2.30 -3.93
CA LYS A 103 -16.61 2.93 -3.03
C LYS A 103 -15.88 3.98 -2.18
N GLU A 104 -16.54 5.14 -2.00
CA GLU A 104 -16.00 6.19 -1.15
C GLU A 104 -16.26 5.86 0.31
N TYR A 105 -15.28 6.11 1.15
CA TYR A 105 -15.38 5.93 2.57
C TYR A 105 -15.39 7.30 3.21
N LYS A 106 -16.39 7.56 4.06
CA LYS A 106 -16.60 8.87 4.66
C LYS A 106 -16.51 8.78 6.18
N CYS A 107 -15.68 9.64 6.76
CA CYS A 107 -15.44 9.70 8.20
C CYS A 107 -16.05 10.98 8.75
N LYS A 108 -17.13 10.87 9.51
CA LYS A 108 -17.79 12.02 10.10
C LYS A 108 -17.48 12.00 11.58
N VAL A 109 -16.84 13.07 12.06
CA VAL A 109 -16.37 13.18 13.43
C VAL A 109 -17.29 14.13 14.17
N SER A 110 -17.77 13.72 15.35
CA SER A 110 -18.69 14.53 16.14
C SER A 110 -18.06 14.84 17.49
N ASN A 111 -18.07 16.11 17.88
CA ASN A 111 -17.53 16.55 19.16
C ASN A 111 -18.50 17.52 19.83
N LYS A 112 -18.80 17.28 21.12
CA LYS A 112 -19.75 18.12 21.83
C LYS A 112 -19.23 19.55 21.90
N ALA A 113 -20.09 20.51 21.53
CA ALA A 113 -19.68 21.90 21.33
C ALA A 113 -18.52 21.99 20.32
N LEU A 114 -18.87 21.71 19.06
CA LEU A 114 -17.98 21.90 17.91
C LEU A 114 -18.91 22.36 16.80
N PRO A 115 -18.58 23.46 16.12
CA PRO A 115 -19.61 24.18 15.32
C PRO A 115 -20.38 23.28 14.37
N ALA A 116 -19.70 22.32 13.74
CA ALA A 116 -20.31 21.34 12.86
C ALA A 116 -19.36 20.16 12.80
N PRO A 117 -19.87 18.95 12.55
CA PRO A 117 -18.96 17.82 12.43
C PRO A 117 -18.05 18.03 11.24
N ILE A 118 -16.90 17.34 11.25
CA ILE A 118 -15.96 17.43 10.15
C ILE A 118 -16.09 16.18 9.30
N GLU A 119 -16.00 16.34 8.00
CA GLU A 119 -16.28 15.28 7.05
C GLU A 119 -15.03 15.11 6.20
N LYS A 120 -14.48 13.90 6.18
CA LYS A 120 -13.37 13.53 5.32
C LYS A 120 -13.75 12.24 4.58
N THR A 121 -13.46 12.19 3.27
CA THR A 121 -13.75 11.02 2.45
C THR A 121 -12.51 10.51 1.74
N ILE A 122 -12.56 9.24 1.38
CA ILE A 122 -11.42 8.60 0.73
C ILE A 122 -11.94 7.49 -0.16
N SER A 123 -11.19 7.22 -1.23
CA SER A 123 -11.50 6.13 -2.14
C SER A 123 -10.25 5.86 -2.95
N LYS A 124 -10.20 4.67 -3.50
CA LYS A 124 -9.15 4.30 -4.44
C LYS A 124 -9.12 5.27 -5.63
N ALA A 125 -7.90 5.66 -6.03
CA ALA A 125 -7.71 6.50 -7.21
C ALA A 125 -8.54 6.02 -8.39
N LYS A 126 -9.12 6.97 -9.12
CA LYS A 126 -9.95 6.72 -10.29
C LYS A 126 -9.08 6.67 -11.53
N GLY A 127 -9.57 5.96 -12.55
CA GLY A 127 -8.81 5.79 -13.78
C GLY A 127 -8.76 4.35 -14.26
N GLN A 128 -8.62 4.18 -15.57
CA GLN A 128 -8.63 2.82 -16.12
C GLN A 128 -7.52 1.99 -15.52
N PRO A 129 -7.82 0.94 -14.77
CA PRO A 129 -6.75 0.07 -14.28
C PRO A 129 -6.01 -0.55 -15.45
N ARG A 130 -4.74 -0.87 -15.25
CA ARG A 130 -3.95 -1.29 -16.39
C ARG A 130 -2.81 -2.20 -15.93
N GLU A 131 -2.61 -3.27 -16.66
CA GLU A 131 -1.89 -4.41 -16.13
C GLU A 131 -0.39 -4.17 -16.18
N PRO A 132 0.35 -4.46 -15.12
CA PRO A 132 1.79 -4.21 -15.14
C PRO A 132 2.55 -5.25 -15.94
N GLN A 133 3.60 -4.81 -16.61
CA GLN A 133 4.52 -5.70 -17.31
C GLN A 133 5.74 -5.89 -16.43
N VAL A 134 6.21 -7.13 -16.32
CA VAL A 134 7.32 -7.41 -15.41
C VAL A 134 8.42 -8.10 -16.19
N TYR A 135 9.57 -7.43 -16.28
CA TYR A 135 10.76 -7.98 -16.91
C TYR A 135 11.88 -8.07 -15.88
N THR A 136 12.50 -9.23 -15.79
CA THR A 136 13.69 -9.41 -14.98
C THR A 136 14.93 -9.14 -15.80
N LEU A 137 15.97 -8.65 -15.15
CA LEU A 137 17.13 -8.14 -15.85
C LEU A 137 18.43 -8.49 -15.11
N PRO A 138 19.30 -9.29 -15.71
CA PRO A 138 20.52 -9.72 -15.02
C PRO A 138 21.49 -8.55 -14.89
N PRO A 139 22.59 -8.74 -14.17
CA PRO A 139 23.54 -7.64 -13.98
C PRO A 139 24.22 -7.27 -15.29
N SER A 140 24.88 -6.12 -15.27
CA SER A 140 25.73 -5.76 -16.40
C SER A 140 27.01 -6.59 -16.37
N ARG A 141 27.64 -6.72 -17.53
CA ARG A 141 28.96 -7.34 -17.54
C ARG A 141 29.93 -6.54 -16.66
N GLU A 142 29.90 -5.21 -16.72
CA GLU A 142 30.92 -4.45 -16.00
C GLU A 142 30.75 -4.61 -14.49
N GLU A 143 29.53 -4.91 -14.03
CA GLU A 143 29.30 -5.12 -12.60
C GLU A 143 29.91 -6.40 -12.08
N MET A 144 30.31 -7.36 -12.96
CA MET A 144 30.84 -8.61 -12.43
C MET A 144 32.20 -8.45 -11.79
N THR A 145 32.78 -7.26 -11.73
CA THR A 145 34.08 -7.08 -11.06
C THR A 145 33.97 -6.93 -9.54
N LYS A 146 32.75 -6.93 -8.98
CA LYS A 146 32.50 -6.80 -7.56
C LYS A 146 32.20 -8.18 -6.94
N ASN A 147 31.91 -8.20 -5.64
CA ASN A 147 31.55 -9.44 -4.96
C ASN A 147 30.07 -9.57 -4.68
N GLN A 148 29.35 -8.44 -4.65
CA GLN A 148 27.90 -8.34 -4.79
C GLN A 148 27.56 -8.09 -6.25
N VAL A 149 26.30 -8.37 -6.62
CA VAL A 149 25.86 -8.02 -7.97
C VAL A 149 24.37 -7.71 -7.89
N SER A 150 23.86 -7.08 -8.94
CA SER A 150 22.55 -6.46 -8.92
C SER A 150 21.64 -7.17 -9.92
N LEU A 151 20.55 -7.71 -9.42
CA LEU A 151 19.53 -8.31 -10.25
C LEU A 151 18.36 -7.36 -10.25
N THR A 152 17.92 -6.98 -11.43
CA THR A 152 16.92 -5.93 -11.57
C THR A 152 15.59 -6.52 -12.01
N CYS A 153 14.52 -5.98 -11.44
CA CYS A 153 13.16 -6.30 -11.85
C CYS A 153 12.50 -4.99 -12.26
N LEU A 154 12.21 -4.85 -13.54
CA LEU A 154 11.49 -3.71 -14.05
C LEU A 154 10.01 -4.03 -14.12
N VAL A 155 9.19 -3.14 -13.57
CA VAL A 155 7.73 -3.27 -13.59
C VAL A 155 7.20 -1.96 -14.15
N LYS A 156 6.44 -2.03 -15.25
CA LYS A 156 5.98 -0.83 -15.95
C LYS A 156 4.57 -1.03 -16.52
N GLY A 157 3.98 0.11 -16.95
CA GLY A 157 2.69 0.13 -17.59
C GLY A 157 1.50 -0.01 -16.67
N PHE A 158 1.66 0.21 -15.37
CA PHE A 158 0.57 -0.10 -14.47
C PHE A 158 -0.15 1.17 -14.02
N TYR A 159 -1.40 0.97 -13.58
CA TYR A 159 -2.28 2.01 -13.06
C TYR A 159 -3.36 1.35 -12.21
N PRO A 160 -3.66 1.86 -11.00
CA PRO A 160 -3.06 2.93 -10.19
C PRO A 160 -1.65 2.58 -9.67
N SER A 161 -0.99 3.50 -8.99
CA SER A 161 0.39 3.28 -8.56
C SER A 161 0.50 2.34 -7.36
N ASP A 162 -0.61 1.98 -6.73
CA ASP A 162 -0.57 1.11 -5.56
C ASP A 162 -0.15 -0.29 -5.99
N ILE A 163 0.96 -0.78 -5.43
CA ILE A 163 1.60 -2.00 -5.93
C ILE A 163 2.49 -2.55 -4.83
N ALA A 164 2.93 -3.79 -4.99
CA ALA A 164 3.79 -4.40 -3.97
C ALA A 164 4.76 -5.33 -4.68
N VAL A 165 6.05 -5.21 -4.35
CA VAL A 165 7.09 -5.95 -5.03
C VAL A 165 8.01 -6.62 -4.01
N GLU A 166 8.35 -7.89 -4.26
CA GLU A 166 9.20 -8.61 -3.32
C GLU A 166 10.05 -9.60 -4.10
N TRP A 167 11.22 -9.91 -3.60
CA TRP A 167 12.10 -10.93 -4.16
C TRP A 167 12.11 -12.15 -3.27
N GLU A 168 12.50 -13.28 -3.87
CA GLU A 168 12.62 -14.54 -3.17
C GLU A 168 13.48 -15.48 -4.01
N SER A 169 13.82 -16.61 -3.40
CA SER A 169 14.57 -17.63 -4.09
C SER A 169 14.32 -18.91 -3.33
N ASN A 170 13.92 -19.97 -4.05
CA ASN A 170 13.56 -21.23 -3.42
C ASN A 170 12.51 -21.03 -2.34
N GLY A 171 11.50 -20.22 -2.67
CA GLY A 171 10.38 -19.98 -1.78
C GLY A 171 10.77 -19.34 -0.48
N GLN A 172 12.01 -18.85 -0.37
CA GLN A 172 12.47 -18.14 0.80
C GLN A 172 12.51 -16.67 0.45
N PRO A 173 11.96 -15.80 1.29
CA PRO A 173 11.99 -14.38 0.99
C PRO A 173 13.40 -13.86 1.02
N GLU A 174 13.65 -12.91 0.16
CA GLU A 174 14.96 -12.31 0.07
C GLU A 174 14.96 -10.95 0.76
N ASN A 175 16.08 -10.29 0.69
CA ASN A 175 16.36 -9.30 1.71
C ASN A 175 16.97 -8.06 1.07
N ASN A 176 18.23 -8.15 0.70
CA ASN A 176 18.92 -7.03 0.12
C ASN A 176 18.18 -6.63 -1.14
N TYR A 177 17.01 -6.04 -0.95
CA TYR A 177 16.29 -5.44 -2.05
C TYR A 177 15.70 -4.13 -1.58
N LYS A 178 15.74 -3.17 -2.49
CA LYS A 178 15.12 -1.86 -2.35
C LYS A 178 14.37 -1.58 -3.65
N THR A 179 13.23 -0.92 -3.53
CA THR A 179 12.36 -0.70 -4.67
C THR A 179 12.08 0.79 -4.73
N THR A 180 12.20 1.37 -5.93
CA THR A 180 11.94 2.79 -6.15
C THR A 180 10.46 3.06 -5.90
N PRO A 181 10.11 4.30 -5.52
CA PRO A 181 8.72 4.73 -5.65
C PRO A 181 8.27 4.58 -7.08
N PRO A 182 6.96 4.38 -7.30
CA PRO A 182 6.42 4.52 -8.67
C PRO A 182 6.68 5.91 -9.23
N VAL A 183 7.00 5.95 -10.51
CA VAL A 183 7.28 7.18 -11.24
C VAL A 183 6.24 7.29 -12.34
N LEU A 184 5.76 8.49 -12.61
CA LEU A 184 4.74 8.69 -13.62
C LEU A 184 5.41 8.76 -14.99
N ASP A 185 5.05 7.83 -15.87
CA ASP A 185 5.67 7.70 -17.17
C ASP A 185 4.94 8.57 -18.19
N SER A 186 5.48 8.63 -19.41
CA SER A 186 4.95 9.60 -20.36
C SER A 186 3.56 9.26 -20.88
N ASP A 187 3.10 8.01 -20.75
CA ASP A 187 1.75 7.61 -21.18
C ASP A 187 0.73 7.61 -20.04
N GLY A 188 1.07 8.20 -18.90
CA GLY A 188 0.16 8.22 -17.78
C GLY A 188 0.17 6.97 -16.90
N SER A 189 0.76 5.87 -17.37
CA SER A 189 1.00 4.69 -16.54
C SER A 189 2.19 4.95 -15.63
N PHE A 190 2.47 3.96 -14.77
CA PHE A 190 3.55 4.06 -13.81
C PHE A 190 4.54 2.93 -14.05
N PHE A 191 5.76 3.18 -13.62
CA PHE A 191 6.78 2.15 -13.61
C PHE A 191 7.59 2.29 -12.35
N LEU A 192 8.24 1.19 -11.97
CA LEU A 192 9.28 1.23 -10.96
C LEU A 192 10.31 0.18 -11.34
N TYR A 193 11.48 0.29 -10.71
CA TYR A 193 12.43 -0.80 -10.66
C TYR A 193 12.57 -1.29 -9.23
N SER A 194 13.00 -2.54 -9.10
CA SER A 194 13.36 -3.12 -7.82
C SER A 194 14.71 -3.75 -7.99
N LYS A 195 15.66 -3.41 -7.12
CA LYS A 195 17.03 -3.92 -7.20
C LYS A 195 17.29 -4.92 -6.06
N LEU A 196 17.66 -6.15 -6.41
CA LEU A 196 18.04 -7.17 -5.43
C LEU A 196 19.55 -7.37 -5.48
N THR A 197 20.17 -7.51 -4.31
CA THR A 197 21.61 -7.64 -4.20
C THR A 197 21.94 -9.03 -3.64
N VAL A 198 22.74 -9.79 -4.40
CA VAL A 198 23.15 -11.12 -3.98
C VAL A 198 24.63 -11.21 -4.26
N ASP A 199 25.32 -12.08 -3.53
CA ASP A 199 26.75 -12.20 -3.77
C ASP A 199 26.96 -12.85 -5.13
N LYS A 200 28.07 -12.47 -5.77
CA LYS A 200 28.36 -12.98 -7.11
C LYS A 200 28.21 -14.49 -7.13
N SER A 201 28.67 -15.15 -6.06
CA SER A 201 28.65 -16.62 -6.01
C SER A 201 27.24 -17.18 -6.12
N ARG A 202 26.29 -16.62 -5.34
CA ARG A 202 24.93 -17.17 -5.38
C ARG A 202 24.40 -17.15 -6.80
N TRP A 203 24.60 -16.03 -7.50
CA TRP A 203 24.22 -15.92 -8.90
C TRP A 203 25.10 -16.77 -9.80
N GLN A 204 26.37 -16.93 -9.45
CA GLN A 204 27.31 -17.64 -10.32
C GLN A 204 26.96 -19.12 -10.40
N GLN A 205 26.83 -19.78 -9.24
CA GLN A 205 26.44 -21.18 -9.20
C GLN A 205 24.98 -21.33 -9.58
N GLY A 206 24.66 -21.10 -10.85
CA GLY A 206 23.29 -21.13 -11.35
C GLY A 206 22.37 -20.28 -10.51
N ASN A 207 21.46 -20.93 -9.78
CA ASN A 207 20.54 -20.28 -8.84
C ASN A 207 19.52 -19.35 -9.50
N VAL A 208 18.26 -19.51 -9.07
CA VAL A 208 17.11 -18.88 -9.70
C VAL A 208 16.50 -17.92 -8.70
N PHE A 209 16.43 -16.65 -9.08
CA PHE A 209 15.86 -15.63 -8.24
C PHE A 209 14.57 -15.17 -8.87
N SER A 210 13.70 -14.60 -8.05
CA SER A 210 12.32 -14.45 -8.48
C SER A 210 11.71 -13.15 -7.95
N CYS A 211 11.12 -12.38 -8.87
CA CYS A 211 10.51 -11.08 -8.57
C CYS A 211 8.99 -11.22 -8.55
N SER A 212 8.36 -10.81 -7.45
CA SER A 212 6.92 -10.97 -7.27
C SER A 212 6.23 -9.61 -7.30
N VAL A 213 5.08 -9.54 -7.97
CA VAL A 213 4.37 -8.27 -8.14
C VAL A 213 2.90 -8.47 -7.77
N MET A 214 2.36 -7.54 -6.96
CA MET A 214 0.96 -7.56 -6.58
C MET A 214 0.27 -6.28 -7.03
N HIS A 215 -0.79 -6.46 -7.78
CA HIS A 215 -1.44 -5.33 -8.41
C HIS A 215 -2.84 -5.73 -8.80
N GLU A 216 -3.75 -4.77 -8.78
CA GLU A 216 -5.16 -5.11 -8.95
C GLU A 216 -5.47 -5.54 -10.37
N ALA A 217 -4.64 -5.18 -11.35
CA ALA A 217 -4.90 -5.55 -12.75
C ALA A 217 -4.27 -6.87 -13.17
N LEU A 218 -3.56 -7.58 -12.30
CA LEU A 218 -3.08 -8.91 -12.61
C LEU A 218 -4.15 -9.94 -12.26
N HIS A 219 -4.16 -11.04 -12.98
CA HIS A 219 -4.99 -12.17 -12.59
C HIS A 219 -4.50 -12.71 -11.23
N ASN A 220 -5.46 -13.12 -10.38
CA ASN A 220 -5.25 -13.35 -8.94
C ASN A 220 -4.33 -12.32 -8.28
N HIS A 221 -4.25 -11.13 -8.86
CA HIS A 221 -3.51 -9.99 -8.27
C HIS A 221 -2.03 -10.29 -8.07
N TYR A 222 -1.47 -11.22 -8.84
CA TYR A 222 -0.12 -11.63 -8.51
C TYR A 222 0.60 -12.22 -9.73
N THR A 223 1.94 -12.02 -9.80
CA THR A 223 2.79 -12.59 -10.84
C THR A 223 4.19 -12.83 -10.33
N GLN A 224 4.78 -13.94 -10.79
CA GLN A 224 6.18 -14.31 -10.65
C GLN A 224 6.87 -14.12 -12.01
N LYS A 225 8.04 -13.51 -12.01
CA LYS A 225 8.96 -13.65 -13.13
C LYS A 225 10.31 -14.03 -12.54
N SER A 226 10.98 -14.99 -13.17
CA SER A 226 12.19 -15.56 -12.60
C SER A 226 13.42 -15.06 -13.37
N LEU A 227 14.61 -15.42 -12.88
CA LEU A 227 15.85 -14.92 -13.47
C LEU A 227 17.02 -15.80 -13.02
N SER A 228 17.72 -16.44 -13.96
CA SER A 228 18.94 -17.15 -13.62
C SER A 228 20.09 -16.83 -14.56
N LEU A 229 21.26 -17.33 -14.18
CA LEU A 229 22.43 -17.32 -15.06
C LEU A 229 22.20 -18.22 -16.28
#